data_6N7B
#
_entry.id   6N7B
#
_cell.length_a   170.285
_cell.length_b   42.788
_cell.length_c   44.986
_cell.angle_alpha   90.00
_cell.angle_beta   90.00
_cell.angle_gamma   90.00
#
_symmetry.space_group_name_H-M   'P 21 21 2'
#
loop_
_entity.id
_entity.type
_entity.pdbx_description
1 polymer 'Tyrosine-protein kinase JAK1'
2 non-polymer N-[3-(5-chloro-2-methoxyphenyl)-1-methyl-1H-pyrazol-4-yl]-1H-pyrazolo[4,3-c]pyridine-7-carboxamide
3 non-polymer GLYCEROL
4 water water
#
_entity_poly.entity_id   1
_entity_poly.type   'polypeptide(L)'
_entity_poly.pdbx_seq_one_letter_code
;GDIVSEKKPATEVDPTHFEKRFLKRIRDLGEGHFGKVELCRYDPEGDNTGEQVAVKSLKPESGGNHIADLKKEIEILRNL
YHENIVKYKGICTEDGGNGIKLIMEFLPSGSLKEYLPKNKNKINLKQQLKYAVQICKGMDYLGSRQYVHRDLAARNVLVE
SEHQVKIGDFGLTKAIETDKE(PTR)(PTR)TVKDDRDSPVFWYAPECLMQSKFYIASDVWSFGVTLHELLTYCDSDSSP
MALFLKMIGPTHGQMTVTRLVNTLKEGKRLPCPPNCPDEVYQLMRKCWEFQPSNRTSFQNLIEGFEALLK
;
_entity_poly.pdbx_strand_id   A
#
# COMPACT_ATOMS: atom_id res chain seq x y z
N VAL A 13 24.53 22.64 -9.81
CA VAL A 13 23.14 22.20 -10.04
C VAL A 13 22.78 20.97 -9.16
N ASP A 14 21.59 20.99 -8.54
CA ASP A 14 21.06 19.91 -7.71
C ASP A 14 20.24 18.96 -8.59
N PRO A 15 20.64 17.66 -8.70
CA PRO A 15 19.88 16.74 -9.56
C PRO A 15 18.49 16.36 -9.01
N THR A 16 18.19 16.71 -7.74
CA THR A 16 16.90 16.47 -7.09
C THR A 16 15.96 17.68 -7.19
N HIS A 17 16.42 18.77 -7.83
CA HIS A 17 15.58 19.95 -8.03
C HIS A 17 15.10 19.97 -9.46
N PHE A 18 13.79 19.83 -9.63
CA PHE A 18 13.14 19.83 -10.94
C PHE A 18 12.46 21.17 -11.16
N GLU A 19 12.75 21.85 -12.30
CA GLU A 19 12.17 23.14 -12.71
C GLU A 19 10.79 22.90 -13.32
N LYS A 20 9.77 23.65 -12.85
CA LYS A 20 8.38 23.53 -13.32
C LYS A 20 8.24 23.71 -14.84
N ARG A 21 8.96 24.69 -15.40
CA ARG A 21 8.96 25.06 -16.83
C ARG A 21 9.33 23.90 -17.78
N PHE A 22 10.06 22.88 -17.26
CA PHE A 22 10.48 21.72 -18.04
C PHE A 22 9.67 20.46 -17.74
N LEU A 23 8.83 20.51 -16.70
CA LEU A 23 8.00 19.39 -16.29
C LEU A 23 6.73 19.39 -17.11
N LYS A 24 6.69 18.55 -18.14
CA LYS A 24 5.59 18.52 -19.09
C LYS A 24 4.64 17.37 -18.85
N ARG A 25 3.37 17.66 -18.56
CA ARG A 25 2.34 16.65 -18.32
C ARG A 25 1.98 15.81 -19.57
N ILE A 26 1.97 14.49 -19.40
CA ILE A 26 1.58 13.56 -20.46
C ILE A 26 0.13 13.10 -20.24
N ARG A 27 -0.13 12.52 -19.06
CA ARG A 27 -1.47 12.02 -18.72
C ARG A 27 -1.60 11.80 -17.21
N ASP A 28 -2.85 11.68 -16.72
CA ASP A 28 -3.07 11.43 -15.31
C ASP A 28 -2.85 9.93 -15.07
N LEU A 29 -2.24 9.56 -13.91
CA LEU A 29 -2.07 8.14 -13.54
C LEU A 29 -3.18 7.65 -12.61
N GLY A 30 -3.54 8.50 -11.66
CA GLY A 30 -4.60 8.24 -10.70
C GLY A 30 -4.77 9.38 -9.74
N GLU A 31 -5.84 9.32 -8.94
CA GLU A 31 -6.11 10.37 -7.96
C GLU A 31 -6.82 9.81 -6.75
N GLY A 32 -6.63 10.48 -5.64
CA GLY A 32 -7.27 10.21 -4.35
C GLY A 32 -8.25 11.33 -4.07
N HIS A 33 -8.54 11.56 -2.79
CA HIS A 33 -9.42 12.64 -2.38
C HIS A 33 -8.68 13.94 -2.62
N PHE A 34 -7.45 14.07 -2.06
CA PHE A 34 -6.71 15.34 -2.14
C PHE A 34 -5.48 15.32 -3.04
N GLY A 35 -4.90 14.17 -3.27
CA GLY A 35 -3.72 14.05 -4.11
C GLY A 35 -3.94 13.39 -5.45
N LYS A 36 -3.04 13.69 -6.37
CA LYS A 36 -3.04 13.12 -7.70
C LYS A 36 -1.62 12.78 -8.15
N VAL A 37 -1.52 11.74 -8.97
CA VAL A 37 -0.26 11.30 -9.55
C VAL A 37 -0.38 11.43 -11.06
N GLU A 38 0.54 12.18 -11.67
CA GLU A 38 0.55 12.35 -13.15
C GLU A 38 1.87 11.89 -13.77
N LEU A 39 1.78 11.38 -15.01
CA LEU A 39 2.93 11.00 -15.82
C LEU A 39 3.36 12.29 -16.53
N CYS A 40 4.63 12.70 -16.30
CA CYS A 40 5.25 13.86 -16.92
C CYS A 40 6.60 13.45 -17.54
N ARG A 41 7.07 14.24 -18.48
CA ARG A 41 8.41 14.08 -19.03
C ARG A 41 9.20 15.29 -18.50
N TYR A 42 10.38 15.08 -17.91
CA TYR A 42 11.20 16.23 -17.49
C TYR A 42 12.07 16.50 -18.70
N ASP A 43 11.65 17.48 -19.50
CA ASP A 43 12.28 17.78 -20.78
C ASP A 43 13.04 19.13 -20.87
N PRO A 44 14.22 19.32 -20.21
CA PRO A 44 14.92 20.62 -20.36
C PRO A 44 15.43 20.91 -21.80
N GLU A 45 15.64 19.89 -22.64
CA GLU A 45 16.08 20.10 -24.02
C GLU A 45 14.94 20.52 -24.97
N GLY A 46 13.70 20.44 -24.50
CA GLY A 46 12.51 20.85 -25.25
C GLY A 46 12.20 20.06 -26.49
N ASP A 47 12.75 18.84 -26.63
CA ASP A 47 12.58 18.02 -27.83
C ASP A 47 11.90 16.66 -27.61
N ASN A 48 11.32 16.45 -26.42
CA ASN A 48 10.61 15.26 -25.96
C ASN A 48 11.52 14.04 -25.81
N THR A 49 12.80 14.28 -25.40
CA THR A 49 13.78 13.19 -25.15
C THR A 49 14.05 12.95 -23.65
N GLY A 50 13.51 13.83 -22.79
CA GLY A 50 13.69 13.77 -21.34
C GLY A 50 13.10 12.56 -20.68
N GLU A 51 13.48 12.30 -19.42
CA GLU A 51 12.94 11.11 -18.79
C GLU A 51 11.52 11.28 -18.24
N GLN A 52 10.73 10.22 -18.38
CA GLN A 52 9.37 10.19 -17.85
C GLN A 52 9.50 9.95 -16.32
N VAL A 53 8.75 10.72 -15.53
CA VAL A 53 8.73 10.68 -14.06
C VAL A 53 7.27 10.64 -13.58
N ALA A 54 7.00 9.99 -12.43
CA ALA A 54 5.68 10.05 -11.79
C ALA A 54 5.73 11.31 -10.91
N VAL A 55 4.69 12.16 -10.98
CA VAL A 55 4.59 13.42 -10.21
C VAL A 55 3.35 13.45 -9.31
N LYS A 56 3.57 13.52 -7.98
CA LYS A 56 2.51 13.60 -6.99
C LYS A 56 2.27 15.04 -6.54
N SER A 57 1.04 15.49 -6.72
CA SER A 57 0.70 16.84 -6.29
C SER A 57 -0.67 16.84 -5.66
N LEU A 58 -0.96 17.91 -4.90
CA LEU A 58 -2.26 18.08 -4.29
C LEU A 58 -3.18 18.86 -5.24
N LYS A 59 -4.46 18.47 -5.29
CA LYS A 59 -5.50 19.14 -6.07
C LYS A 59 -5.75 20.55 -5.51
N PRO A 60 -6.08 21.56 -6.33
CA PRO A 60 -6.35 22.90 -5.77
C PRO A 60 -7.74 22.99 -5.18
N HIS A 66 -3.38 20.67 3.42
CA HIS A 66 -2.70 19.40 3.23
C HIS A 66 -1.24 19.50 2.72
N ILE A 67 -0.75 20.73 2.39
CA ILE A 67 0.64 20.97 1.93
C ILE A 67 1.66 20.42 2.95
N ALA A 68 1.37 20.59 4.27
CA ALA A 68 2.19 20.12 5.39
C ALA A 68 2.40 18.61 5.31
N ASP A 69 1.32 17.85 5.08
CA ASP A 69 1.37 16.39 4.96
C ASP A 69 2.16 15.95 3.74
N LEU A 70 2.06 16.65 2.60
CA LEU A 70 2.81 16.26 1.42
C LEU A 70 4.31 16.50 1.65
N LYS A 71 4.65 17.60 2.35
CA LYS A 71 6.06 17.91 2.67
C LYS A 71 6.65 16.85 3.58
N LYS A 72 5.83 16.30 4.50
CA LYS A 72 6.29 15.23 5.40
C LYS A 72 6.44 13.93 4.60
N GLU A 73 5.52 13.66 3.63
CA GLU A 73 5.60 12.46 2.76
C GLU A 73 6.93 12.50 1.99
N ILE A 74 7.23 13.65 1.34
CA ILE A 74 8.46 13.93 0.57
C ILE A 74 9.71 13.62 1.42
N GLU A 75 9.75 14.10 2.69
CA GLU A 75 10.91 13.88 3.54
C GLU A 75 11.05 12.43 3.96
N ILE A 76 9.91 11.74 4.13
CA ILE A 76 9.92 10.32 4.47
C ILE A 76 10.54 9.55 3.28
N LEU A 77 10.00 9.76 2.05
CA LEU A 77 10.46 9.04 0.85
C LEU A 77 11.91 9.36 0.50
N ARG A 78 12.36 10.59 0.74
CA ARG A 78 13.74 10.98 0.45
C ARG A 78 14.76 10.12 1.22
N ASN A 79 14.36 9.64 2.42
CA ASN A 79 15.24 8.85 3.29
C ASN A 79 14.97 7.33 3.30
N LEU A 80 14.19 6.82 2.34
CA LEU A 80 13.93 5.40 2.20
C LEU A 80 14.70 4.95 0.97
N TYR A 81 15.45 3.85 1.11
CA TYR A 81 16.27 3.28 0.04
C TYR A 81 16.11 1.79 0.05
N HIS A 82 15.22 1.27 -0.78
CA HIS A 82 14.96 -0.17 -0.81
C HIS A 82 14.44 -0.56 -2.19
N GLU A 83 14.87 -1.73 -2.70
CA GLU A 83 14.43 -2.25 -4.01
C GLU A 83 12.94 -2.41 -4.13
N ASN A 84 12.26 -2.62 -2.99
CA ASN A 84 10.79 -2.78 -2.95
C ASN A 84 10.09 -1.52 -2.46
N ILE A 85 10.78 -0.37 -2.59
CA ILE A 85 10.20 0.94 -2.29
C ILE A 85 10.43 1.83 -3.50
N VAL A 86 9.36 2.49 -3.97
CA VAL A 86 9.40 3.40 -5.13
C VAL A 86 10.53 4.47 -4.94
N LYS A 87 11.38 4.66 -5.95
CA LYS A 87 12.49 5.62 -5.81
C LYS A 87 12.09 7.06 -5.86
N TYR A 88 12.54 7.79 -4.85
CA TYR A 88 12.42 9.24 -4.78
C TYR A 88 13.39 9.78 -5.84
N LYS A 89 12.96 10.78 -6.62
CA LYS A 89 13.81 11.47 -7.59
C LYS A 89 14.07 12.92 -7.15
N GLY A 90 13.05 13.57 -6.64
CA GLY A 90 13.21 14.95 -6.20
C GLY A 90 11.93 15.72 -5.99
N ILE A 91 12.04 17.03 -6.12
CA ILE A 91 10.92 17.93 -5.89
C ILE A 91 10.83 19.02 -6.95
N CYS A 92 9.66 19.60 -7.06
CA CYS A 92 9.37 20.74 -7.89
C CYS A 92 8.66 21.72 -6.95
N THR A 93 9.37 22.77 -6.53
CA THR A 93 8.83 23.78 -5.60
C THR A 93 7.68 24.59 -6.18
N GLY A 99 3.69 25.74 -1.81
CA GLY A 99 3.48 24.76 -2.87
C GLY A 99 4.67 23.87 -3.15
N ILE A 100 4.41 22.57 -3.47
CA ILE A 100 5.46 21.58 -3.77
C ILE A 100 4.88 20.35 -4.56
N LYS A 101 5.74 19.68 -5.34
CA LYS A 101 5.34 18.46 -6.06
C LYS A 101 6.42 17.41 -5.77
N LEU A 102 6.02 16.14 -5.67
CA LEU A 102 6.91 15.03 -5.38
C LEU A 102 7.23 14.29 -6.64
N ILE A 103 8.54 14.22 -6.98
CA ILE A 103 9.06 13.55 -8.19
C ILE A 103 9.58 12.17 -7.86
N MET A 104 9.05 11.14 -8.58
CA MET A 104 9.46 9.75 -8.38
C MET A 104 9.72 9.09 -9.73
N GLU A 105 10.35 7.91 -9.71
CA GLU A 105 10.50 7.12 -10.93
C GLU A 105 9.10 6.69 -11.39
N PHE A 106 8.95 6.46 -12.70
CA PHE A 106 7.67 6.08 -13.24
C PHE A 106 7.64 4.60 -13.51
N LEU A 107 6.57 3.91 -13.04
CA LEU A 107 6.41 2.47 -13.23
C LEU A 107 5.18 2.30 -14.10
N PRO A 108 5.41 2.08 -15.43
CA PRO A 108 4.29 2.01 -16.38
C PRO A 108 3.23 0.95 -16.15
N SER A 109 3.53 -0.14 -15.43
CA SER A 109 2.52 -1.18 -15.21
C SER A 109 1.48 -0.77 -14.19
N GLY A 110 1.73 0.34 -13.49
CA GLY A 110 0.80 0.89 -12.53
C GLY A 110 0.65 0.03 -11.29
N SER A 111 -0.50 0.08 -10.63
CA SER A 111 -0.66 -0.70 -9.40
C SER A 111 -1.16 -2.14 -9.61
N LEU A 112 -1.00 -3.01 -8.57
CA LEU A 112 -1.50 -4.38 -8.60
C LEU A 112 -2.98 -4.42 -8.92
N LYS A 113 -3.74 -3.44 -8.38
CA LYS A 113 -5.17 -3.29 -8.60
C LYS A 113 -5.50 -3.16 -10.07
N GLU A 114 -4.65 -2.44 -10.83
CA GLU A 114 -4.89 -2.27 -12.27
C GLU A 114 -4.21 -3.38 -13.11
N TYR A 115 -3.08 -3.94 -12.62
CA TYR A 115 -2.25 -4.91 -13.33
C TYR A 115 -2.77 -6.35 -13.28
N LEU A 116 -3.06 -6.87 -12.06
CA LEU A 116 -3.45 -8.26 -11.86
C LEU A 116 -4.66 -8.68 -12.68
N PRO A 117 -5.76 -7.90 -12.74
CA PRO A 117 -6.90 -8.33 -13.59
C PRO A 117 -6.56 -8.53 -15.07
N LYS A 118 -5.57 -7.76 -15.58
CA LYS A 118 -5.14 -7.78 -16.98
C LYS A 118 -4.03 -8.82 -17.26
N ASN A 119 -3.44 -9.45 -16.22
CA ASN A 119 -2.27 -10.34 -16.35
C ASN A 119 -2.37 -11.67 -15.59
N LYS A 120 -3.59 -12.20 -15.40
CA LYS A 120 -3.79 -13.50 -14.74
C LYS A 120 -3.04 -14.61 -15.51
N ASN A 121 -2.98 -14.52 -16.85
CA ASN A 121 -2.29 -15.54 -17.67
C ASN A 121 -0.77 -15.54 -17.44
N LYS A 122 -0.19 -14.36 -17.10
CA LYS A 122 1.23 -14.10 -16.87
C LYS A 122 1.66 -14.42 -15.43
N ILE A 123 0.73 -14.25 -14.46
CA ILE A 123 1.01 -14.39 -13.01
C ILE A 123 0.31 -15.60 -12.38
N ASN A 124 1.13 -16.53 -11.85
CA ASN A 124 0.70 -17.74 -11.17
C ASN A 124 0.98 -17.64 -9.67
N LEU A 125 0.59 -18.67 -8.90
CA LEU A 125 0.76 -18.69 -7.45
C LEU A 125 2.19 -18.40 -6.98
N LYS A 126 3.16 -19.05 -7.62
CA LYS A 126 4.58 -18.88 -7.30
C LYS A 126 4.98 -17.41 -7.40
N GLN A 127 4.58 -16.72 -8.48
CA GLN A 127 4.84 -15.30 -8.66
C GLN A 127 4.08 -14.48 -7.60
N GLN A 128 2.83 -14.88 -7.30
CA GLN A 128 2.07 -14.18 -6.25
C GLN A 128 2.77 -14.27 -4.90
N LEU A 129 3.35 -15.44 -4.54
CA LEU A 129 4.07 -15.61 -3.29
C LEU A 129 5.37 -14.81 -3.26
N LYS A 130 6.04 -14.62 -4.43
CA LYS A 130 7.26 -13.80 -4.51
C LYS A 130 6.93 -12.32 -4.29
N TYR A 131 5.81 -11.85 -4.90
CA TYR A 131 5.29 -10.49 -4.70
C TYR A 131 4.99 -10.28 -3.21
N ALA A 132 4.36 -11.31 -2.60
CA ALA A 132 4.05 -11.31 -1.16
C ALA A 132 5.32 -11.11 -0.34
N VAL A 133 6.39 -11.88 -0.65
CA VAL A 133 7.70 -11.73 0.04
C VAL A 133 8.24 -10.31 -0.18
N GLN A 134 8.14 -9.78 -1.42
CA GLN A 134 8.65 -8.45 -1.73
C GLN A 134 7.99 -7.35 -0.96
N ILE A 135 6.68 -7.43 -0.79
CA ILE A 135 5.92 -6.45 -0.01
C ILE A 135 6.33 -6.51 1.45
N CYS A 136 6.49 -7.74 2.00
CA CYS A 136 6.99 -7.90 3.40
C CYS A 136 8.37 -7.28 3.61
N LYS A 137 9.31 -7.40 2.63
CA LYS A 137 10.65 -6.81 2.78
C LYS A 137 10.61 -5.29 2.79
N GLY A 138 9.84 -4.70 1.88
CA GLY A 138 9.70 -3.26 1.83
C GLY A 138 9.04 -2.75 3.10
N MET A 139 7.97 -3.47 3.53
CA MET A 139 7.26 -3.09 4.77
C MET A 139 8.17 -3.25 5.99
N ASP A 140 8.93 -4.37 6.05
CA ASP A 140 9.86 -4.62 7.15
C ASP A 140 10.96 -3.56 7.26
N TYR A 141 11.37 -2.96 6.12
CA TYR A 141 12.38 -1.90 6.04
C TYR A 141 11.76 -0.61 6.59
N LEU A 142 10.51 -0.28 6.17
CA LEU A 142 9.76 0.87 6.66
C LEU A 142 9.63 0.74 8.17
N GLY A 143 9.21 -0.44 8.64
CA GLY A 143 9.07 -0.72 10.07
C GLY A 143 10.35 -0.46 10.84
N SER A 144 11.50 -0.96 10.32
CA SER A 144 12.83 -0.77 10.89
C SER A 144 13.24 0.70 10.96
N ARG A 145 12.62 1.57 10.14
CA ARG A 145 12.89 3.01 10.11
C ARG A 145 11.92 3.78 11.04
N GLN A 146 11.17 3.02 11.88
CA GLN A 146 10.19 3.48 12.87
C GLN A 146 9.00 4.20 12.24
N TYR A 147 8.44 3.63 11.15
CA TYR A 147 7.30 4.22 10.45
C TYR A 147 6.18 3.21 10.37
N VAL A 148 4.96 3.71 10.48
CA VAL A 148 3.76 2.90 10.28
C VAL A 148 3.09 3.49 9.05
N HIS A 149 2.79 2.63 8.06
CA HIS A 149 2.26 2.99 6.73
C HIS A 149 0.79 3.46 6.79
N ARG A 150 -0.06 2.69 7.45
CA ARG A 150 -1.47 2.97 7.66
C ARG A 150 -2.35 2.93 6.40
N ASP A 151 -1.80 2.54 5.22
CA ASP A 151 -2.58 2.53 3.98
C ASP A 151 -2.12 1.38 3.04
N LEU A 152 -1.70 0.27 3.64
CA LEU A 152 -1.20 -0.86 2.87
C LEU A 152 -2.35 -1.63 2.19
N ALA A 153 -2.54 -1.36 0.93
CA ALA A 153 -3.54 -1.98 0.09
C ALA A 153 -2.91 -2.19 -1.27
N ALA A 154 -3.48 -3.09 -2.08
CA ALA A 154 -3.00 -3.44 -3.41
C ALA A 154 -2.93 -2.23 -4.33
N ARG A 155 -3.84 -1.25 -4.18
CA ARG A 155 -3.83 -0.02 -4.99
C ARG A 155 -2.53 0.78 -4.70
N ASN A 156 -1.82 0.52 -3.58
CA ASN A 156 -0.56 1.23 -3.28
C ASN A 156 0.70 0.43 -3.54
N VAL A 157 0.55 -0.76 -4.15
CA VAL A 157 1.67 -1.60 -4.51
C VAL A 157 1.87 -1.44 -6.01
N LEU A 158 3.03 -0.91 -6.44
CA LEU A 158 3.28 -0.65 -7.87
C LEU A 158 4.04 -1.80 -8.48
N VAL A 159 3.85 -2.04 -9.77
CA VAL A 159 4.45 -3.17 -10.47
C VAL A 159 5.62 -2.69 -11.29
N GLU A 160 6.83 -3.11 -10.92
CA GLU A 160 8.04 -2.69 -11.68
C GLU A 160 8.12 -3.52 -12.97
N SER A 161 7.90 -4.81 -12.81
CA SER A 161 7.90 -5.80 -13.91
C SER A 161 7.08 -7.01 -13.42
N GLU A 162 6.95 -8.05 -14.26
CA GLU A 162 6.22 -9.23 -13.80
C GLU A 162 6.95 -9.97 -12.62
N HIS A 163 8.23 -9.63 -12.36
CA HIS A 163 9.10 -10.21 -11.33
C HIS A 163 9.28 -9.30 -10.10
N GLN A 164 8.87 -8.04 -10.18
CA GLN A 164 9.12 -7.18 -9.04
C GLN A 164 8.00 -6.17 -8.73
N VAL A 165 7.72 -5.96 -7.42
CA VAL A 165 6.75 -4.97 -6.92
C VAL A 165 7.47 -3.99 -5.98
N LYS A 166 6.87 -2.82 -5.79
CA LYS A 166 7.37 -1.77 -4.90
C LYS A 166 6.20 -1.12 -4.12
N ILE A 167 6.40 -0.76 -2.85
CA ILE A 167 5.40 0.01 -2.09
C ILE A 167 5.53 1.39 -2.70
N GLY A 168 4.41 1.86 -3.24
CA GLY A 168 4.36 3.02 -4.12
C GLY A 168 3.81 4.35 -3.64
N ASP A 169 3.34 4.43 -2.38
CA ASP A 169 2.76 5.64 -1.78
C ASP A 169 2.93 5.68 -0.30
N PHE A 170 3.12 6.88 0.25
CA PHE A 170 3.38 7.02 1.69
C PHE A 170 2.54 8.16 2.27
N GLY A 171 1.39 8.41 1.63
CA GLY A 171 0.45 9.49 1.94
C GLY A 171 -0.07 9.59 3.36
N LEU A 172 -0.19 8.46 4.06
CA LEU A 172 -0.69 8.36 5.43
C LEU A 172 0.38 7.94 6.42
N THR A 173 1.63 7.75 5.94
CA THR A 173 2.73 7.31 6.78
C THR A 173 3.04 8.32 7.90
N LYS A 174 3.24 7.77 9.11
CA LYS A 174 3.52 8.40 10.40
C LYS A 174 4.68 7.69 11.12
N ALA A 175 5.52 8.49 11.81
CA ALA A 175 6.65 8.02 12.60
C ALA A 175 6.23 7.56 14.00
N ILE A 176 6.53 6.31 14.38
CA ILE A 176 6.25 5.76 15.72
C ILE A 176 7.40 6.21 16.65
N GLU A 177 7.07 6.82 17.81
CA GLU A 177 8.09 7.28 18.77
C GLU A 177 8.88 6.08 19.38
N THR A 178 10.17 6.31 19.72
CA THR A 178 11.08 5.33 20.36
C THR A 178 10.50 4.92 21.74
N ASP A 179 10.57 3.60 22.09
CA ASP A 179 10.03 3.05 23.37
C ASP A 179 8.48 3.07 23.44
N LYS A 180 7.84 3.63 22.39
CA LYS A 180 6.39 3.72 22.19
C LYS A 180 6.11 2.69 21.10
N GLU A 181 4.99 1.94 21.21
CA GLU A 181 4.66 0.87 20.28
C GLU A 181 3.67 1.29 19.17
N THR A 184 -1.00 7.49 17.59
CA THR A 184 -2.45 7.72 17.68
C THR A 184 -2.81 8.81 16.70
N VAL A 185 -3.68 8.46 15.77
CA VAL A 185 -4.11 9.36 14.71
C VAL A 185 -5.30 10.21 15.13
N LYS A 186 -5.20 11.50 14.85
CA LYS A 186 -6.22 12.50 15.18
C LYS A 186 -7.25 12.59 14.04
N ASP A 187 -6.79 12.52 12.78
CA ASP A 187 -7.64 12.64 11.60
C ASP A 187 -7.79 11.34 10.82
N ASP A 188 -8.95 10.68 10.99
CA ASP A 188 -9.29 9.38 10.38
C ASP A 188 -10.22 9.52 9.16
N ARG A 189 -10.46 10.75 8.68
CA ARG A 189 -11.42 11.04 7.62
C ARG A 189 -11.24 10.23 6.31
N ASP A 190 -10.00 9.94 5.86
CA ASP A 190 -9.86 9.17 4.61
C ASP A 190 -9.23 7.78 4.88
N SER A 191 -9.90 7.00 5.74
CA SER A 191 -9.41 5.70 6.19
C SER A 191 -9.96 4.48 5.44
N PRO A 192 -9.06 3.57 4.98
CA PRO A 192 -9.53 2.31 4.34
C PRO A 192 -9.89 1.30 5.43
N VAL A 193 -11.08 1.47 6.03
CA VAL A 193 -11.58 0.69 7.16
C VAL A 193 -11.64 -0.80 6.90
N PHE A 194 -11.84 -1.23 5.65
CA PHE A 194 -11.88 -2.66 5.39
C PHE A 194 -10.47 -3.31 5.35
N TRP A 195 -9.41 -2.49 5.56
CA TRP A 195 -8.01 -2.96 5.64
C TRP A 195 -7.46 -2.74 7.05
N TYR A 196 -8.25 -2.08 7.94
CA TYR A 196 -7.82 -1.70 9.28
C TYR A 196 -8.02 -2.75 10.35
N ALA A 197 -7.00 -2.90 11.19
CA ALA A 197 -7.02 -3.81 12.32
C ALA A 197 -8.03 -3.29 13.39
N PRO A 198 -8.56 -4.17 14.29
CA PRO A 198 -9.52 -3.72 15.32
C PRO A 198 -9.03 -2.53 16.17
N GLU A 199 -7.75 -2.50 16.60
CA GLU A 199 -7.19 -1.38 17.39
C GLU A 199 -7.23 -0.04 16.65
N CYS A 200 -7.10 -0.08 15.33
CA CYS A 200 -7.16 1.13 14.47
C CYS A 200 -8.59 1.61 14.44
N LEU A 201 -9.52 0.68 14.23
CA LEU A 201 -10.94 1.00 14.20
C LEU A 201 -11.46 1.53 15.52
N MET A 202 -11.09 0.90 16.64
CA MET A 202 -11.60 1.25 17.97
C MET A 202 -10.93 2.43 18.61
N GLN A 203 -9.61 2.57 18.46
CA GLN A 203 -8.89 3.61 19.19
C GLN A 203 -7.96 4.46 18.35
N SER A 204 -7.94 4.28 17.00
CA SER A 204 -7.07 5.01 16.05
C SER A 204 -5.57 4.88 16.46
N LYS A 205 -5.22 3.68 16.95
CA LYS A 205 -3.89 3.30 17.43
C LYS A 205 -3.22 2.53 16.31
N PHE A 206 -2.05 3.02 15.83
CA PHE A 206 -1.37 2.36 14.72
C PHE A 206 -0.05 1.86 15.14
N TYR A 207 0.06 0.53 15.24
CA TYR A 207 1.25 -0.21 15.60
C TYR A 207 1.83 -0.78 14.31
N ILE A 208 3.06 -1.30 14.34
CA ILE A 208 3.62 -2.00 13.19
C ILE A 208 2.78 -3.28 12.92
N ALA A 209 2.24 -3.94 13.98
CA ALA A 209 1.33 -5.10 13.84
C ALA A 209 0.03 -4.74 13.10
N SER A 210 -0.34 -3.45 13.07
CA SER A 210 -1.53 -2.95 12.36
C SER A 210 -1.27 -3.02 10.87
N ASP A 211 -0.01 -2.76 10.45
CA ASP A 211 0.45 -2.88 9.06
C ASP A 211 0.48 -4.31 8.61
N VAL A 212 0.74 -5.24 9.55
CA VAL A 212 0.78 -6.67 9.30
C VAL A 212 -0.66 -7.13 9.01
N TRP A 213 -1.64 -6.57 9.75
CA TRP A 213 -3.08 -6.89 9.54
C TRP A 213 -3.45 -6.47 8.09
N SER A 214 -3.04 -5.25 7.70
CA SER A 214 -3.29 -4.68 6.36
C SER A 214 -2.60 -5.48 5.27
N PHE A 215 -1.41 -6.05 5.60
CA PHE A 215 -0.71 -6.92 4.69
C PHE A 215 -1.58 -8.13 4.37
N GLY A 216 -2.12 -8.80 5.40
CA GLY A 216 -3.02 -9.95 5.20
C GLY A 216 -4.16 -9.69 4.23
N VAL A 217 -4.75 -8.47 4.31
CA VAL A 217 -5.87 -8.03 3.45
C VAL A 217 -5.34 -7.78 2.04
N THR A 218 -4.16 -7.13 1.91
CA THR A 218 -3.51 -6.90 0.62
C THR A 218 -3.13 -8.28 -0.02
N LEU A 219 -2.75 -9.28 0.82
CA LEU A 219 -2.41 -10.63 0.36
C LEU A 219 -3.64 -11.32 -0.20
N HIS A 220 -4.82 -11.09 0.41
CA HIS A 220 -6.12 -11.63 -0.04
C HIS A 220 -6.43 -11.02 -1.44
N GLU A 221 -6.23 -9.72 -1.57
CA GLU A 221 -6.46 -9.02 -2.86
C GLU A 221 -5.59 -9.63 -3.98
N LEU A 222 -4.27 -9.70 -3.75
CA LEU A 222 -3.28 -10.23 -4.68
C LEU A 222 -3.63 -11.69 -5.09
N LEU A 223 -4.10 -12.53 -4.12
CA LEU A 223 -4.50 -13.91 -4.38
C LEU A 223 -5.80 -14.07 -5.17
N THR A 224 -6.62 -12.98 -5.22
CA THR A 224 -7.87 -12.97 -5.98
C THR A 224 -7.67 -12.16 -7.25
N TYR A 225 -6.38 -11.77 -7.55
CA TYR A 225 -6.03 -10.95 -8.72
C TYR A 225 -6.78 -9.60 -8.71
N CYS A 226 -7.04 -9.05 -7.50
CA CYS A 226 -7.73 -7.79 -7.28
C CYS A 226 -9.11 -7.73 -7.96
N ASP A 227 -9.84 -8.87 -7.95
CA ASP A 227 -11.17 -8.95 -8.53
C ASP A 227 -12.14 -8.08 -7.72
N SER A 228 -12.80 -7.12 -8.39
CA SER A 228 -13.77 -6.17 -7.81
C SER A 228 -14.90 -6.84 -7.02
N ASP A 229 -15.53 -7.91 -7.57
CA ASP A 229 -16.63 -8.66 -6.93
C ASP A 229 -16.19 -9.37 -5.64
N SER A 230 -14.89 -9.64 -5.50
CA SER A 230 -14.33 -10.32 -4.32
C SER A 230 -13.42 -9.39 -3.51
N SER A 231 -13.60 -8.07 -3.66
CA SER A 231 -12.78 -7.10 -2.93
C SER A 231 -13.01 -7.23 -1.41
N PRO A 232 -12.07 -6.76 -0.57
CA PRO A 232 -12.29 -6.82 0.88
C PRO A 232 -13.59 -6.14 1.28
N MET A 233 -13.90 -4.97 0.66
CA MET A 233 -15.13 -4.24 0.93
C MET A 233 -16.36 -5.08 0.57
N ALA A 234 -16.41 -5.65 -0.64
CA ALA A 234 -17.51 -6.47 -1.09
C ALA A 234 -17.72 -7.69 -0.18
N LEU A 235 -16.62 -8.39 0.16
CA LEU A 235 -16.68 -9.56 1.03
C LEU A 235 -17.13 -9.29 2.44
N PHE A 236 -16.65 -8.20 3.05
CA PHE A 236 -17.08 -7.87 4.39
C PHE A 236 -18.54 -7.46 4.46
N LEU A 237 -19.02 -6.71 3.43
CA LEU A 237 -20.40 -6.22 3.39
C LEU A 237 -21.40 -7.38 3.27
N LYS A 238 -20.97 -8.49 2.61
CA LYS A 238 -21.75 -9.72 2.49
C LYS A 238 -21.82 -10.40 3.88
N MET A 239 -20.76 -10.25 4.69
CA MET A 239 -20.69 -10.84 6.03
C MET A 239 -21.49 -10.03 7.06
N ILE A 240 -21.37 -8.69 7.03
CA ILE A 240 -22.01 -7.84 8.05
C ILE A 240 -23.38 -7.31 7.66
N GLY A 241 -23.67 -7.31 6.37
CA GLY A 241 -24.92 -6.76 5.83
C GLY A 241 -24.63 -5.40 5.24
N PRO A 242 -25.17 -5.04 4.08
CA PRO A 242 -24.83 -3.74 3.50
C PRO A 242 -25.71 -2.55 3.93
N THR A 243 -26.66 -2.77 4.86
CA THR A 243 -27.63 -1.73 5.20
C THR A 243 -27.50 -1.13 6.62
N HIS A 244 -26.27 -1.06 7.16
CA HIS A 244 -26.09 -0.53 8.51
C HIS A 244 -25.69 0.95 8.56
N GLY A 245 -25.48 1.56 7.39
CA GLY A 245 -25.11 2.97 7.28
C GLY A 245 -23.94 3.37 8.17
N GLN A 246 -24.23 4.25 9.15
CA GLN A 246 -23.24 4.77 10.09
C GLN A 246 -22.74 3.72 11.10
N MET A 247 -23.48 2.57 11.27
CA MET A 247 -23.10 1.45 12.17
C MET A 247 -22.17 0.47 11.46
N THR A 248 -21.79 0.73 10.18
CA THR A 248 -20.97 -0.21 9.41
C THR A 248 -19.65 -0.56 10.13
N VAL A 249 -18.82 0.45 10.54
CA VAL A 249 -17.57 0.19 11.26
C VAL A 249 -17.85 -0.55 12.57
N THR A 250 -18.95 -0.19 13.30
CA THR A 250 -19.32 -0.89 14.52
C THR A 250 -19.65 -2.36 14.22
N ARG A 251 -20.40 -2.62 13.14
CA ARG A 251 -20.74 -4.00 12.76
C ARG A 251 -19.46 -4.75 12.33
N LEU A 252 -18.53 -4.04 11.66
CA LEU A 252 -17.24 -4.62 11.25
C LEU A 252 -16.45 -5.10 12.46
N VAL A 253 -16.31 -4.22 13.49
CA VAL A 253 -15.64 -4.52 14.75
C VAL A 253 -16.29 -5.72 15.46
N ASN A 254 -17.64 -5.78 15.47
CA ASN A 254 -18.41 -6.86 16.07
C ASN A 254 -18.08 -8.23 15.46
N THR A 255 -18.08 -8.31 14.13
CA THR A 255 -17.77 -9.50 13.32
C THR A 255 -16.32 -9.95 13.62
N LEU A 256 -15.38 -8.98 13.74
CA LEU A 256 -13.97 -9.26 14.01
C LEU A 256 -13.82 -9.82 15.42
N LYS A 257 -14.58 -9.25 16.39
CA LYS A 257 -14.61 -9.69 17.80
C LYS A 257 -15.12 -11.13 17.91
N GLU A 258 -16.07 -11.51 17.04
CA GLU A 258 -16.66 -12.85 16.92
C GLU A 258 -15.71 -13.87 16.28
N GLY A 259 -14.54 -13.41 15.82
CA GLY A 259 -13.52 -14.27 15.20
C GLY A 259 -13.70 -14.51 13.71
N LYS A 260 -14.66 -13.80 13.08
CA LYS A 260 -14.97 -13.92 11.65
C LYS A 260 -13.92 -13.17 10.82
N ARG A 261 -13.53 -13.77 9.69
CA ARG A 261 -12.49 -13.24 8.81
C ARG A 261 -12.85 -13.42 7.35
N LEU A 262 -12.12 -12.74 6.45
CA LEU A 262 -12.28 -12.85 5.00
C LEU A 262 -12.10 -14.34 4.61
N PRO A 263 -12.96 -14.90 3.75
CA PRO A 263 -12.83 -16.33 3.40
C PRO A 263 -11.53 -16.64 2.63
N CYS A 264 -11.26 -17.94 2.40
CA CYS A 264 -10.08 -18.34 1.64
C CYS A 264 -10.29 -17.98 0.17
N PRO A 265 -9.35 -17.25 -0.48
CA PRO A 265 -9.53 -16.95 -1.91
C PRO A 265 -9.67 -18.26 -2.69
N PRO A 266 -10.47 -18.30 -3.76
CA PRO A 266 -10.60 -19.57 -4.49
C PRO A 266 -9.25 -19.94 -5.11
N ASN A 267 -8.93 -21.24 -5.09
CA ASN A 267 -7.70 -21.84 -5.62
C ASN A 267 -6.45 -21.50 -4.76
N CYS A 268 -6.64 -20.93 -3.54
CA CYS A 268 -5.55 -20.60 -2.61
C CYS A 268 -5.32 -21.78 -1.65
N PRO A 269 -4.12 -22.40 -1.65
CA PRO A 269 -3.89 -23.54 -0.75
C PRO A 269 -4.00 -23.15 0.73
N ASP A 270 -4.46 -24.11 1.58
CA ASP A 270 -4.64 -23.87 3.01
C ASP A 270 -3.41 -23.32 3.72
N GLU A 271 -2.20 -23.78 3.33
CA GLU A 271 -0.95 -23.28 3.92
C GLU A 271 -0.72 -21.77 3.65
N VAL A 272 -1.20 -21.26 2.51
CA VAL A 272 -1.09 -19.83 2.23
C VAL A 272 -2.21 -19.15 3.02
N TYR A 273 -3.43 -19.73 3.05
CA TYR A 273 -4.54 -19.16 3.83
C TYR A 273 -4.20 -19.06 5.32
N GLN A 274 -3.54 -20.09 5.85
CA GLN A 274 -3.12 -20.13 7.23
C GLN A 274 -2.10 -19.06 7.56
N LEU A 275 -1.24 -18.65 6.61
CA LEU A 275 -0.26 -17.58 6.83
C LEU A 275 -0.97 -16.22 6.90
N MET A 276 -2.05 -16.09 6.13
CA MET A 276 -2.89 -14.91 6.03
C MET A 276 -3.67 -14.78 7.34
N ARG A 277 -4.19 -15.91 7.88
CA ARG A 277 -4.93 -15.92 9.15
C ARG A 277 -4.11 -15.40 10.30
N LYS A 278 -2.77 -15.60 10.28
CA LYS A 278 -1.87 -15.14 11.35
C LYS A 278 -1.66 -13.65 11.34
N CYS A 279 -1.96 -12.97 10.21
CA CYS A 279 -1.87 -11.51 10.10
C CYS A 279 -3.08 -10.94 10.85
N TRP A 280 -4.15 -11.73 10.95
CA TRP A 280 -5.41 -11.26 11.50
C TRP A 280 -5.75 -11.74 12.93
N GLU A 281 -4.72 -11.99 13.75
CA GLU A 281 -4.97 -12.35 15.15
C GLU A 281 -5.48 -11.06 15.81
N PHE A 282 -6.66 -11.10 16.45
CA PHE A 282 -7.29 -9.94 17.07
C PHE A 282 -6.31 -9.06 17.87
N GLN A 283 -5.49 -9.67 18.76
CA GLN A 283 -4.52 -8.93 19.57
C GLN A 283 -3.24 -8.61 18.79
N PRO A 284 -2.82 -7.33 18.70
CA PRO A 284 -1.59 -6.99 17.95
C PRO A 284 -0.41 -7.93 18.21
N SER A 285 -0.14 -8.24 19.50
CA SER A 285 0.94 -9.13 19.94
C SER A 285 0.91 -10.58 19.34
N ASN A 286 -0.27 -11.15 19.08
CA ASN A 286 -0.36 -12.52 18.56
C ASN A 286 -0.17 -12.66 17.02
N ARG A 287 -0.01 -11.54 16.29
CA ARG A 287 0.18 -11.58 14.85
C ARG A 287 1.62 -11.96 14.49
N THR A 288 1.80 -12.62 13.34
CA THR A 288 3.10 -13.00 12.80
C THR A 288 3.76 -11.70 12.34
N SER A 289 5.09 -11.47 12.58
CA SER A 289 5.75 -10.22 12.14
C SER A 289 6.12 -10.34 10.65
N PHE A 290 6.61 -9.24 10.03
CA PHE A 290 7.03 -9.29 8.62
C PHE A 290 8.18 -10.29 8.44
N GLN A 291 9.18 -10.26 9.35
CA GLN A 291 10.32 -11.20 9.33
C GLN A 291 9.83 -12.66 9.30
N ASN A 292 8.86 -12.95 10.15
CA ASN A 292 8.21 -14.25 10.32
C ASN A 292 7.46 -14.69 9.07
N LEU A 293 6.67 -13.76 8.43
CA LEU A 293 5.92 -14.00 7.20
C LEU A 293 6.87 -14.37 6.04
N ILE A 294 7.99 -13.62 5.91
CA ILE A 294 8.99 -13.89 4.87
C ILE A 294 9.46 -15.34 4.93
N GLU A 295 9.83 -15.81 6.16
CA GLU A 295 10.28 -17.19 6.36
C GLU A 295 9.18 -18.16 5.94
N GLY A 296 7.93 -17.82 6.27
CA GLY A 296 6.74 -18.57 5.90
C GLY A 296 6.60 -18.79 4.42
N PHE A 297 6.61 -17.69 3.61
CA PHE A 297 6.45 -17.76 2.14
C PHE A 297 7.63 -18.47 1.45
N GLU A 298 8.86 -18.14 1.84
CA GLU A 298 10.10 -18.75 1.34
C GLU A 298 10.09 -20.29 1.55
N ALA A 299 9.47 -20.77 2.64
CA ALA A 299 9.35 -22.20 2.94
C ALA A 299 8.42 -22.90 1.94
N LEU A 300 7.41 -22.17 1.46
CA LEU A 300 6.39 -22.62 0.51
C LEU A 300 6.89 -22.56 -0.93
N LEU A 301 7.86 -21.67 -1.21
CA LEU A 301 8.47 -21.46 -2.53
C LEU A 301 9.57 -22.50 -2.84
N LYS A 302 10.20 -23.04 -1.78
CA LYS A 302 11.27 -24.03 -1.84
C LYS A 302 10.71 -25.46 -1.71
#